data_6NPU
#
_entry.id   6NPU
#
_cell.length_a   75.093
_cell.length_b   95.643
_cell.length_c   115.535
_cell.angle_alpha   90.000
_cell.angle_beta   90.000
_cell.angle_gamma   90.000
#
_symmetry.space_group_name_H-M   'P 21 21 21'
#
loop_
_entity.id
_entity.type
_entity.pdbx_description
1 polymer 'Tyrosine-protein kinase ABL1'
2 non-polymer 4-(4-METHYL-PIPERAZIN-1-YLMETHYL)-N-[4-METHYL-3-(4-PYRIDIN-3-YL-PYRIMIDIN-2-YLAMINO)-PHENYL]-BENZAMIDE
3 non-polymer ~{N}-[2-(3,4-dichlorophenyl)-3,4-dihydropyrazol-5-yl]ethanamide
4 non-polymer 'SULFATE ION'
5 non-polymer GLYCEROL
6 non-polymer 'NONAETHYLENE GLYCOL'
7 water water
#
_entity_poly.entity_id   1
_entity_poly.type   'polypeptide(L)'
_entity_poly.pdbx_seq_one_letter_code
;MHHHHHHENLYFQGSPNYDKWEMERTDITMKHKLGGGQYGEVYEGVWKKYSLTVAVKTLKEDTMEVEEFLKEAAVMKEIK
HPNLVQLLGVCTREPPFYIITEFMTYGNLLDYLRECNRQEVNAVVLLYMATQISSAMEYLEKKNFIHRDLAARNCLVGEN
HLVKVADFGLSRLMTGDTYTAHAGAKFPIKWTAPESLAYNKFSIKSDVWAFGVLLWEIATYGMSPYPGIDLSQVYELLEK
DYRMERPEGCPEKVYELMRACWQWNPSDRPSFAEIHQAFETMFQESSISDEVEKELGK
;
_entity_poly.pdbx_strand_id   A,B
#
# COMPACT_ATOMS: atom_id res chain seq x y z
N TYR A 18 5.64 -16.98 -27.32
CA TYR A 18 5.52 -16.81 -25.87
C TYR A 18 6.89 -16.85 -25.20
N ASP A 19 7.25 -15.80 -24.45
CA ASP A 19 8.49 -15.78 -23.68
C ASP A 19 8.16 -15.85 -22.18
N LYS A 20 9.17 -15.56 -21.33
CA LYS A 20 9.02 -15.76 -19.90
C LYS A 20 8.04 -14.77 -19.24
N TRP A 21 7.74 -13.65 -19.88
CA TRP A 21 6.79 -12.67 -19.35
C TRP A 21 5.34 -13.02 -19.65
N GLU A 22 5.10 -13.97 -20.54
CA GLU A 22 3.74 -14.33 -20.94
C GLU A 22 2.98 -14.90 -19.75
N MET A 23 1.76 -14.43 -19.52
CA MET A 23 1.00 -15.01 -18.43
C MET A 23 -0.39 -15.34 -18.88
N GLU A 24 -0.96 -16.36 -18.25
CA GLU A 24 -2.26 -16.84 -18.64
C GLU A 24 -3.32 -15.82 -18.27
N ARG A 25 -4.25 -15.59 -19.19
CA ARG A 25 -5.26 -14.55 -18.99
C ARG A 25 -6.06 -14.80 -17.71
N THR A 26 -6.35 -16.07 -17.42
CA THR A 26 -7.16 -16.35 -16.25
C THR A 26 -6.40 -16.12 -14.95
N ASP A 27 -5.11 -15.76 -15.00
CA ASP A 27 -4.40 -15.35 -13.79
C ASP A 27 -4.84 -13.98 -13.28
N ILE A 28 -5.59 -13.23 -14.08
CA ILE A 28 -5.92 -11.82 -13.81
C ILE A 28 -7.43 -11.68 -13.76
N THR A 29 -7.95 -11.04 -12.72
CA THR A 29 -9.35 -10.62 -12.69
C THR A 29 -9.43 -9.17 -13.17
N MET A 30 -10.09 -8.94 -14.30
CA MET A 30 -10.25 -7.58 -14.82
C MET A 30 -11.43 -6.90 -14.15
N LYS A 31 -11.23 -5.69 -13.62
CA LYS A 31 -12.22 -5.11 -12.71
C LYS A 31 -12.98 -3.92 -13.29
N HIS A 32 -12.31 -2.96 -13.92
CA HIS A 32 -12.92 -1.74 -14.45
C HIS A 32 -11.83 -0.79 -14.92
N LYS A 33 -12.20 0.15 -15.80
CA LYS A 33 -11.21 1.11 -16.28
C LYS A 33 -10.62 1.91 -15.14
N LEU A 34 -9.30 2.10 -15.18
CA LEU A 34 -8.56 2.73 -14.11
C LEU A 34 -8.71 4.24 -14.20
N GLY A 35 -9.17 4.87 -13.12
CA GLY A 35 -9.59 6.26 -13.20
C GLY A 35 -10.73 6.46 -14.16
N GLY A 36 -11.51 5.41 -14.43
CA GLY A 36 -12.68 5.49 -15.28
C GLY A 36 -12.45 5.94 -16.72
N GLY A 37 -11.20 5.87 -17.18
CA GLY A 37 -10.84 6.26 -18.54
C GLY A 37 -9.86 7.40 -18.62
N GLN A 38 -9.60 8.06 -17.50
CA GLN A 38 -8.47 8.98 -17.34
C GLN A 38 -7.24 8.55 -18.12
N TYR A 39 -6.91 7.26 -18.11
CA TYR A 39 -5.70 6.76 -18.77
C TYR A 39 -6.01 5.98 -20.03
N GLY A 40 -7.22 6.11 -20.56
CA GLY A 40 -7.57 5.34 -21.74
C GLY A 40 -7.83 3.89 -21.43
N GLU A 41 -7.37 3.00 -22.30
CA GLU A 41 -7.66 1.57 -22.19
C GLU A 41 -6.75 0.89 -21.18
N VAL A 42 -6.72 1.43 -19.96
CA VAL A 42 -6.01 0.84 -18.85
C VAL A 42 -7.04 0.43 -17.81
N TYR A 43 -6.97 -0.82 -17.37
CA TYR A 43 -7.93 -1.36 -16.43
C TYR A 43 -7.25 -1.67 -15.10
N GLU A 44 -8.03 -1.58 -14.04
CA GLU A 44 -7.61 -2.09 -12.75
C GLU A 44 -7.93 -3.57 -12.71
N GLY A 45 -6.97 -4.37 -12.21
CA GLY A 45 -7.13 -5.80 -12.13
C GLY A 45 -6.56 -6.37 -10.85
N VAL A 46 -6.69 -7.69 -10.71
CA VAL A 46 -6.15 -8.44 -9.58
C VAL A 46 -5.31 -9.60 -10.11
N TRP A 47 -4.05 -9.63 -9.71
CA TRP A 47 -3.20 -10.80 -9.87
C TRP A 47 -3.56 -11.78 -8.74
N LYS A 48 -4.47 -12.70 -9.04
CA LYS A 48 -5.17 -13.46 -8.01
C LYS A 48 -4.21 -14.19 -7.08
N LYS A 49 -3.23 -14.90 -7.65
CA LYS A 49 -2.41 -15.80 -6.85
C LYS A 49 -1.58 -15.07 -5.79
N TYR A 50 -1.28 -13.80 -5.98
CA TYR A 50 -0.57 -13.01 -4.97
C TYR A 50 -1.43 -11.95 -4.31
N SER A 51 -2.72 -11.88 -4.62
CA SER A 51 -3.62 -10.88 -4.04
C SER A 51 -3.06 -9.46 -4.21
N LEU A 52 -2.57 -9.18 -5.43
CA LEU A 52 -2.06 -7.86 -5.78
C LEU A 52 -2.98 -7.20 -6.78
N THR A 53 -3.34 -5.95 -6.50
CA THR A 53 -3.94 -5.09 -7.50
C THR A 53 -2.91 -4.76 -8.56
N VAL A 54 -3.34 -4.79 -9.82
CA VAL A 54 -2.45 -4.51 -10.94
C VAL A 54 -3.11 -3.52 -11.89
N ALA A 55 -2.30 -2.88 -12.73
CA ALA A 55 -2.78 -2.09 -13.86
C ALA A 55 -2.59 -2.88 -15.15
N VAL A 56 -3.58 -2.82 -16.04
CA VAL A 56 -3.60 -3.63 -17.26
C VAL A 56 -3.91 -2.74 -18.44
N LYS A 57 -2.96 -2.64 -19.38
CA LYS A 57 -3.15 -1.87 -20.61
C LYS A 57 -3.54 -2.81 -21.74
N THR A 58 -4.58 -2.42 -22.47
CA THR A 58 -5.23 -3.27 -23.46
C THR A 58 -5.22 -2.57 -24.82
N LEU A 59 -5.12 -3.38 -25.89
CA LEU A 59 -5.27 -2.88 -27.25
C LEU A 59 -6.74 -2.96 -27.66
N LYS A 60 -7.38 -1.79 -27.80
CA LYS A 60 -8.81 -1.66 -28.11
C LYS A 60 -9.31 -2.62 -29.21
N VAL A 66 -0.37 -1.49 -32.78
CA VAL A 66 -0.11 -2.89 -32.45
C VAL A 66 1.37 -3.20 -32.45
N GLU A 67 2.09 -2.72 -33.46
CA GLU A 67 3.55 -2.78 -33.41
C GLU A 67 4.05 -1.91 -32.26
N GLU A 68 3.50 -0.70 -32.15
CA GLU A 68 3.87 0.18 -31.06
C GLU A 68 3.51 -0.41 -29.70
N PHE A 69 2.37 -1.09 -29.61
CA PHE A 69 2.00 -1.74 -28.35
C PHE A 69 3.08 -2.72 -27.90
N LEU A 70 3.51 -3.60 -28.81
CA LEU A 70 4.52 -4.59 -28.46
C LEU A 70 5.91 -3.98 -28.33
N LYS A 71 6.18 -2.86 -29.01
CA LYS A 71 7.45 -2.17 -28.80
C LYS A 71 7.57 -1.69 -27.36
N GLU A 72 6.47 -1.18 -26.79
CA GLU A 72 6.47 -0.73 -25.40
C GLU A 72 6.76 -1.88 -24.45
N ALA A 73 6.10 -3.01 -24.67
CA ALA A 73 6.31 -4.17 -23.81
C ALA A 73 7.76 -4.62 -23.87
N ALA A 74 8.33 -4.64 -25.08
CA ALA A 74 9.74 -5.02 -25.22
C ALA A 74 10.65 -4.08 -24.45
N VAL A 75 10.40 -2.76 -24.53
CA VAL A 75 11.21 -1.80 -23.78
C VAL A 75 11.14 -2.08 -22.28
N MET A 76 9.92 -2.31 -21.77
CA MET A 76 9.75 -2.49 -20.33
C MET A 76 10.37 -3.78 -19.82
N LYS A 77 10.53 -4.79 -20.68
CA LYS A 77 11.23 -6.00 -20.27
C LYS A 77 12.69 -5.75 -19.95
N GLU A 78 13.27 -4.64 -20.44
CA GLU A 78 14.65 -4.30 -20.14
C GLU A 78 14.83 -3.37 -18.94
N ILE A 79 13.74 -2.87 -18.36
CA ILE A 79 13.82 -1.87 -17.30
C ILE A 79 13.34 -2.51 -16.01
N LYS A 80 14.25 -2.61 -15.04
CA LYS A 80 13.92 -3.09 -13.71
C LYS A 80 14.62 -2.20 -12.71
N HIS A 81 13.84 -1.39 -11.98
CA HIS A 81 14.42 -0.45 -11.01
C HIS A 81 13.37 -0.15 -9.96
N PRO A 82 13.74 0.00 -8.69
CA PRO A 82 12.73 0.26 -7.66
C PRO A 82 11.85 1.47 -7.95
N ASN A 83 12.37 2.52 -8.59
CA ASN A 83 11.59 3.71 -8.82
C ASN A 83 11.11 3.88 -10.26
N LEU A 84 11.09 2.78 -11.02
CA LEU A 84 10.41 2.77 -12.31
C LEU A 84 9.27 1.76 -12.24
N VAL A 85 8.19 2.06 -12.98
CA VAL A 85 7.06 1.15 -13.05
C VAL A 85 7.57 -0.21 -13.52
N GLN A 86 7.10 -1.28 -12.88
CA GLN A 86 7.62 -2.62 -13.10
C GLN A 86 6.62 -3.41 -13.95
N LEU A 87 7.10 -3.96 -15.05
CA LEU A 87 6.32 -4.90 -15.85
C LEU A 87 6.16 -6.23 -15.10
N LEU A 88 4.93 -6.73 -15.04
CA LEU A 88 4.68 -8.00 -14.39
C LEU A 88 4.39 -9.13 -15.37
N GLY A 89 3.77 -8.83 -16.50
CA GLY A 89 3.56 -9.85 -17.51
C GLY A 89 2.82 -9.25 -18.68
N VAL A 90 2.60 -10.08 -19.69
CA VAL A 90 1.88 -9.72 -20.89
C VAL A 90 1.01 -10.90 -21.32
N CYS A 91 -0.09 -10.59 -21.99
CA CYS A 91 -0.93 -11.60 -22.61
C CYS A 91 -0.93 -11.30 -24.10
N THR A 92 -0.27 -12.16 -24.89
CA THR A 92 -0.13 -11.92 -26.33
C THR A 92 -0.50 -13.14 -27.17
N ARG A 93 -1.23 -14.11 -26.61
CA ARG A 93 -1.58 -15.29 -27.39
C ARG A 93 -2.78 -15.03 -28.31
N GLU A 94 -3.79 -14.31 -27.86
CA GLU A 94 -4.91 -13.92 -28.71
C GLU A 94 -5.42 -12.57 -28.24
N PRO A 95 -6.17 -11.85 -29.08
CA PRO A 95 -6.64 -10.52 -28.66
C PRO A 95 -7.71 -10.65 -27.61
N PRO A 96 -7.88 -9.64 -26.74
CA PRO A 96 -7.10 -8.40 -26.68
C PRO A 96 -5.75 -8.56 -25.96
N PHE A 97 -4.73 -7.85 -26.44
CA PHE A 97 -3.42 -7.96 -25.84
C PHE A 97 -3.33 -7.15 -24.55
N TYR A 98 -2.59 -7.69 -23.58
CA TYR A 98 -2.43 -7.07 -22.26
C TYR A 98 -0.97 -6.75 -22.02
N ILE A 99 -0.72 -5.59 -21.43
CA ILE A 99 0.52 -5.31 -20.71
C ILE A 99 0.14 -5.08 -19.25
N ILE A 100 0.76 -5.83 -18.34
CA ILE A 100 0.43 -5.83 -16.91
C ILE A 100 1.58 -5.21 -16.12
N THR A 101 1.28 -4.20 -15.31
CA THR A 101 2.28 -3.67 -14.37
C THR A 101 1.69 -3.63 -12.97
N GLU A 102 2.52 -3.25 -12.03
CA GLU A 102 2.07 -3.01 -10.68
C GLU A 102 1.10 -1.83 -10.66
N PHE A 103 0.35 -1.76 -9.58
CA PHE A 103 -0.59 -0.69 -9.30
C PHE A 103 -0.03 0.13 -8.14
N MET A 104 -0.11 1.46 -8.25
CA MET A 104 0.40 2.34 -7.20
C MET A 104 -0.76 3.00 -6.47
N THR A 105 -0.84 2.73 -5.17
CA THR A 105 -2.03 3.02 -4.36
C THR A 105 -2.49 4.47 -4.41
N TYR A 106 -1.56 5.42 -4.50
CA TYR A 106 -1.93 6.82 -4.35
C TYR A 106 -2.07 7.55 -5.68
N GLY A 107 -1.88 6.87 -6.79
CA GLY A 107 -2.12 7.51 -8.07
C GLY A 107 -0.99 8.42 -8.49
N ASN A 108 -1.29 9.26 -9.47
CA ASN A 108 -0.26 10.09 -10.08
C ASN A 108 0.21 11.18 -9.12
N LEU A 109 1.49 11.54 -9.26
CA LEU A 109 2.14 12.46 -8.31
C LEU A 109 1.57 13.88 -8.37
N LEU A 110 1.16 14.35 -9.55
CA LEU A 110 0.62 15.70 -9.67
C LEU A 110 -0.63 15.88 -8.82
N ASP A 111 -1.64 15.02 -9.00
CA ASP A 111 -2.84 15.12 -8.16
C ASP A 111 -2.54 14.82 -6.70
N TYR A 112 -1.62 13.89 -6.45
CA TYR A 112 -1.22 13.62 -5.09
C TYR A 112 -0.65 14.86 -4.41
N LEU A 113 0.30 15.55 -5.07
CA LEU A 113 0.84 16.78 -4.49
C LEU A 113 -0.24 17.83 -4.29
N ARG A 114 -1.13 18.00 -5.26
CA ARG A 114 -2.19 18.99 -5.14
C ARG A 114 -3.14 18.68 -3.99
N GLU A 115 -3.31 17.42 -3.63
CA GLU A 115 -4.31 17.05 -2.64
C GLU A 115 -3.72 16.70 -1.30
N CYS A 116 -2.39 16.67 -1.17
CA CYS A 116 -1.90 16.00 0.02
C CYS A 116 -2.03 16.95 1.22
N ASN A 117 -1.88 16.34 2.39
CA ASN A 117 -1.75 17.05 3.65
C ASN A 117 -0.27 17.44 3.80
N ARG A 118 -0.02 18.74 3.81
CA ARG A 118 1.34 19.26 3.67
C ARG A 118 2.18 19.10 4.92
N GLN A 119 1.56 18.98 6.10
CA GLN A 119 2.33 18.70 7.29
C GLN A 119 2.83 17.25 7.28
N GLU A 120 2.07 16.36 6.64
CA GLU A 120 2.53 14.99 6.45
C GLU A 120 3.52 14.90 5.28
N VAL A 121 3.19 15.51 4.15
CA VAL A 121 4.07 15.51 2.97
C VAL A 121 4.93 16.77 3.11
N ASN A 122 5.95 16.69 3.96
CA ASN A 122 6.70 17.90 4.27
C ASN A 122 8.01 17.93 3.49
N ALA A 123 8.87 18.87 3.86
CA ALA A 123 10.09 19.13 3.11
C ALA A 123 10.95 17.88 2.94
N VAL A 124 11.04 17.06 3.98
CA VAL A 124 11.89 15.88 3.87
C VAL A 124 11.26 14.84 2.96
N VAL A 125 9.93 14.77 2.91
CA VAL A 125 9.29 13.84 1.98
C VAL A 125 9.49 14.32 0.53
N LEU A 126 9.38 15.64 0.32
CA LEU A 126 9.63 16.21 -1.01
C LEU A 126 11.05 15.90 -1.48
N LEU A 127 12.04 16.12 -0.61
CA LEU A 127 13.41 15.71 -0.88
C LEU A 127 13.46 14.22 -1.24
N TYR A 128 12.78 13.40 -0.45
CA TYR A 128 12.79 11.96 -0.69
C TYR A 128 12.19 11.63 -2.06
N MET A 129 11.10 12.30 -2.44
CA MET A 129 10.48 12.04 -3.74
C MET A 129 11.40 12.45 -4.89
N ALA A 130 12.02 13.63 -4.80
CA ALA A 130 12.96 14.06 -5.82
C ALA A 130 14.13 13.09 -5.95
N THR A 131 14.65 12.62 -4.80
CA THR A 131 15.74 11.65 -4.81
C THR A 131 15.32 10.37 -5.56
N GLN A 132 14.15 9.83 -5.24
CA GLN A 132 13.69 8.62 -5.94
C GLN A 132 13.56 8.87 -7.44
N ILE A 133 13.03 10.02 -7.83
CA ILE A 133 12.85 10.28 -9.26
C ILE A 133 14.21 10.38 -9.95
N SER A 134 15.18 11.04 -9.32
CA SER A 134 16.50 11.17 -9.91
C SER A 134 17.19 9.81 -10.00
N SER A 135 16.94 8.93 -9.05
CA SER A 135 17.52 7.60 -9.10
C SER A 135 16.97 6.81 -10.29
N ALA A 136 15.67 6.94 -10.57
CA ALA A 136 15.12 6.26 -11.73
C ALA A 136 15.71 6.80 -13.03
N MET A 137 15.90 8.12 -13.10
CA MET A 137 16.43 8.70 -14.32
C MET A 137 17.92 8.36 -14.48
N GLU A 138 18.66 8.27 -13.38
CA GLU A 138 20.04 7.82 -13.49
C GLU A 138 20.11 6.43 -14.11
N TYR A 139 19.22 5.54 -13.70
CA TYR A 139 19.13 4.22 -14.31
C TYR A 139 18.81 4.33 -15.80
N LEU A 140 17.79 5.10 -16.19
CA LEU A 140 17.49 5.22 -17.62
C LEU A 140 18.70 5.77 -18.36
N GLU A 141 19.40 6.72 -17.76
CA GLU A 141 20.61 7.29 -18.34
C GLU A 141 21.68 6.22 -18.52
N LYS A 142 21.91 5.40 -17.49
CA LYS A 142 22.95 4.39 -17.59
C LYS A 142 22.61 3.35 -18.65
N LYS A 143 21.33 3.03 -18.82
CA LYS A 143 20.88 2.09 -19.85
C LYS A 143 20.66 2.75 -21.20
N ASN A 144 20.99 4.04 -21.33
CA ASN A 144 20.88 4.78 -22.58
C ASN A 144 19.46 4.80 -23.14
N PHE A 145 18.49 4.90 -22.23
CA PHE A 145 17.13 5.25 -22.60
C PHE A 145 16.94 6.77 -22.46
N ILE A 146 15.94 7.27 -23.16
CA ILE A 146 15.45 8.63 -23.00
C ILE A 146 13.97 8.55 -22.63
N HIS A 147 13.53 9.35 -21.66
CA HIS A 147 12.12 9.31 -21.28
C HIS A 147 11.26 10.04 -22.30
N ARG A 148 11.54 11.33 -22.53
CA ARG A 148 10.93 12.24 -23.50
C ARG A 148 9.65 12.93 -22.99
N ASP A 149 9.12 12.55 -21.84
CA ASP A 149 7.93 13.24 -21.32
C ASP A 149 7.92 13.21 -19.79
N LEU A 150 9.03 13.56 -19.16
CA LEU A 150 9.10 13.52 -17.71
C LEU A 150 8.31 14.69 -17.12
N ALA A 151 7.40 14.37 -16.20
CA ALA A 151 6.56 15.37 -15.55
C ALA A 151 5.89 14.70 -14.37
N ALA A 152 5.41 15.53 -13.43
CA ALA A 152 4.70 14.97 -12.27
C ALA A 152 3.54 14.09 -12.69
N ARG A 153 2.80 14.48 -13.73
CA ARG A 153 1.65 13.70 -14.18
C ARG A 153 2.02 12.30 -14.64
N ASN A 154 3.31 12.05 -14.91
CA ASN A 154 3.79 10.75 -15.33
C ASN A 154 4.47 9.97 -14.21
N CYS A 155 4.34 10.42 -12.96
CA CYS A 155 4.89 9.68 -11.82
C CYS A 155 3.76 9.13 -10.97
N LEU A 156 4.06 8.10 -10.19
CA LEU A 156 3.07 7.44 -9.35
C LEU A 156 3.55 7.40 -7.91
N VAL A 157 2.62 7.45 -6.96
CA VAL A 157 2.96 7.45 -5.54
C VAL A 157 2.37 6.22 -4.88
N GLY A 158 3.15 5.60 -3.98
CA GLY A 158 2.71 4.44 -3.26
C GLY A 158 2.84 4.67 -1.77
N GLU A 159 2.32 3.71 -1.00
CA GLU A 159 2.46 3.73 0.45
C GLU A 159 3.91 4.00 0.87
N ASN A 160 4.06 4.66 2.01
CA ASN A 160 5.37 4.93 2.58
C ASN A 160 6.21 5.82 1.65
N HIS A 161 5.54 6.67 0.87
CA HIS A 161 6.19 7.68 0.03
C HIS A 161 6.99 7.09 -1.12
N LEU A 162 6.70 5.86 -1.53
CA LEU A 162 7.29 5.33 -2.74
C LEU A 162 6.91 6.21 -3.94
N VAL A 163 7.88 6.49 -4.82
CA VAL A 163 7.58 7.18 -6.07
C VAL A 163 8.18 6.39 -7.22
N LYS A 164 7.40 6.18 -8.27
CA LYS A 164 7.89 5.49 -9.45
C LYS A 164 7.62 6.34 -10.69
N VAL A 165 8.58 6.32 -11.61
CA VAL A 165 8.46 7.03 -12.87
C VAL A 165 7.78 6.12 -13.88
N ALA A 166 6.82 6.67 -14.61
CA ALA A 166 6.07 5.93 -15.60
C ALA A 166 6.05 6.72 -16.90
N ASP A 167 5.36 6.19 -17.91
CA ASP A 167 5.14 6.94 -19.14
C ASP A 167 3.77 6.48 -19.66
N PHE A 168 2.76 7.32 -19.47
CA PHE A 168 1.40 6.89 -19.75
C PHE A 168 0.96 7.19 -21.18
N GLY A 169 1.80 7.85 -21.98
CA GLY A 169 1.37 8.27 -23.31
C GLY A 169 0.27 9.31 -23.22
N LEU A 170 0.52 10.41 -22.51
CA LEU A 170 -0.53 11.33 -22.13
C LEU A 170 -0.87 12.36 -23.20
N SER A 171 0.07 12.69 -24.10
CA SER A 171 -0.24 13.64 -25.16
C SER A 171 -1.42 13.18 -26.00
N ARG A 172 -1.65 11.86 -26.08
CA ARG A 172 -2.79 11.32 -26.80
C ARG A 172 -4.10 11.48 -26.01
N LEU A 173 -4.05 11.25 -24.70
CA LEU A 173 -5.25 11.14 -23.87
C LEU A 173 -5.72 12.47 -23.27
N MET A 174 -4.79 13.34 -22.92
CA MET A 174 -5.12 14.49 -22.10
C MET A 174 -5.70 15.60 -22.96
N THR A 175 -6.86 16.11 -22.55
CA THR A 175 -7.36 17.36 -23.11
C THR A 175 -6.94 18.52 -22.19
N GLY A 176 -7.00 19.71 -22.73
CA GLY A 176 -6.55 20.89 -22.02
C GLY A 176 -5.31 21.49 -22.66
N ASP A 177 -4.75 22.49 -21.98
CA ASP A 177 -3.61 23.24 -22.50
C ASP A 177 -2.27 22.60 -22.16
N THR A 178 -2.26 21.44 -21.48
CA THR A 178 -0.99 20.82 -21.11
C THR A 178 -0.16 20.49 -22.35
N TYR A 179 -0.78 19.83 -23.32
CA TYR A 179 -0.15 19.48 -24.57
C TYR A 179 -0.77 20.35 -25.67
N THR A 180 0.09 20.93 -26.51
CA THR A 180 -0.35 21.78 -27.59
C THR A 180 0.40 21.38 -28.84
N ALA A 181 -0.20 21.67 -29.99
CA ALA A 181 0.44 21.34 -31.26
C ALA A 181 1.71 22.15 -31.45
N HIS A 182 2.71 21.52 -32.08
CA HIS A 182 4.01 22.12 -32.28
C HIS A 182 4.88 21.19 -33.12
N ALA A 183 5.37 21.67 -34.27
CA ALA A 183 6.20 20.88 -35.18
C ALA A 183 5.48 19.60 -35.62
N GLY A 184 4.17 19.70 -35.83
CA GLY A 184 3.39 18.55 -36.22
C GLY A 184 3.46 17.43 -35.21
N ALA A 185 3.14 17.76 -33.96
CA ALA A 185 3.17 16.84 -32.83
C ALA A 185 2.40 17.52 -31.70
N LYS A 186 2.41 16.90 -30.52
CA LYS A 186 1.88 17.55 -29.32
C LYS A 186 3.00 17.61 -28.28
N PHE A 187 3.21 18.80 -27.71
CA PHE A 187 4.25 19.06 -26.74
C PHE A 187 3.68 19.61 -25.45
N PRO A 188 4.19 19.17 -24.30
CA PRO A 188 4.03 19.96 -23.07
C PRO A 188 5.05 21.08 -23.11
N ILE A 189 4.65 22.23 -23.67
CA ILE A 189 5.62 23.28 -23.97
C ILE A 189 6.43 23.62 -22.74
N LYS A 190 5.75 23.76 -21.59
CA LYS A 190 6.40 24.28 -20.39
C LYS A 190 7.33 23.27 -19.71
N TRP A 191 7.40 22.03 -20.21
CA TRP A 191 8.36 21.05 -19.74
C TRP A 191 9.47 20.81 -20.75
N THR A 192 9.38 21.38 -21.94
CA THR A 192 10.19 20.95 -23.05
C THR A 192 11.47 21.78 -23.14
N ALA A 193 12.60 21.09 -23.28
CA ALA A 193 13.87 21.78 -23.39
C ALA A 193 13.91 22.60 -24.69
N PRO A 194 14.70 23.68 -24.72
CA PRO A 194 14.74 24.56 -25.92
C PRO A 194 15.17 23.83 -27.18
N GLU A 195 16.24 23.04 -27.10
CA GLU A 195 16.71 22.31 -28.27
C GLU A 195 15.64 21.38 -28.82
N SER A 196 14.70 20.92 -27.99
CA SER A 196 13.61 20.07 -28.46
C SER A 196 12.49 20.91 -29.07
N LEU A 197 12.22 22.07 -28.49
CA LEU A 197 11.23 22.97 -29.04
C LEU A 197 11.66 23.48 -30.41
N ALA A 198 12.97 23.75 -30.57
CA ALA A 198 13.49 24.45 -31.74
C ALA A 198 13.86 23.50 -32.88
N TYR A 199 14.66 22.48 -32.57
CA TYR A 199 15.19 21.55 -33.57
C TYR A 199 14.61 20.15 -33.44
N ASN A 200 13.59 19.98 -32.58
CA ASN A 200 13.00 18.67 -32.31
C ASN A 200 14.04 17.63 -31.91
N LYS A 201 15.09 18.03 -31.22
CA LYS A 201 16.11 17.10 -30.77
C LYS A 201 15.85 16.73 -29.32
N PHE A 202 15.76 15.43 -29.04
CA PHE A 202 15.50 14.93 -27.70
C PHE A 202 16.68 14.10 -27.23
N SER A 203 16.98 14.18 -25.93
CA SER A 203 18.11 13.43 -25.39
C SER A 203 17.95 13.31 -23.89
N ILE A 204 18.90 12.62 -23.26
CA ILE A 204 18.86 12.53 -21.81
C ILE A 204 19.00 13.91 -21.19
N LYS A 205 19.66 14.84 -21.88
CA LYS A 205 19.82 16.19 -21.35
C LYS A 205 18.53 17.01 -21.47
N SER A 206 17.68 16.74 -22.45
CA SER A 206 16.35 17.34 -22.39
C SER A 206 15.46 16.67 -21.34
N ASP A 207 15.74 15.42 -20.95
CA ASP A 207 15.06 14.88 -19.78
C ASP A 207 15.53 15.59 -18.52
N VAL A 208 16.81 15.96 -18.47
CA VAL A 208 17.34 16.70 -17.33
C VAL A 208 16.66 18.07 -17.23
N TRP A 209 16.33 18.67 -18.37
CA TRP A 209 15.59 19.92 -18.35
C TRP A 209 14.22 19.69 -17.73
N ALA A 210 13.54 18.64 -18.20
CA ALA A 210 12.18 18.39 -17.74
C ALA A 210 12.15 18.12 -16.24
N PHE A 211 13.21 17.46 -15.74
CA PHE A 211 13.31 17.14 -14.32
C PHE A 211 13.40 18.39 -13.47
N GLY A 212 14.10 19.41 -13.98
CA GLY A 212 14.13 20.70 -13.28
C GLY A 212 12.75 21.29 -13.14
N VAL A 213 11.92 21.16 -14.18
CA VAL A 213 10.53 21.61 -14.10
C VAL A 213 9.75 20.74 -13.12
N LEU A 214 9.95 19.43 -13.19
CA LEU A 214 9.31 18.53 -12.23
C LEU A 214 9.70 18.89 -10.79
N LEU A 215 10.98 19.21 -10.57
CA LEU A 215 11.42 19.72 -9.28
C LEU A 215 10.57 20.92 -8.84
N TRP A 216 10.28 21.83 -9.77
CA TRP A 216 9.50 23.00 -9.43
C TRP A 216 8.04 22.62 -9.15
N GLU A 217 7.49 21.65 -9.89
CA GLU A 217 6.19 21.08 -9.55
C GLU A 217 6.18 20.53 -8.12
N ILE A 218 7.24 19.86 -7.70
CA ILE A 218 7.25 19.31 -6.35
C ILE A 218 7.28 20.43 -5.32
N ALA A 219 8.17 21.42 -5.49
CA ALA A 219 8.30 22.50 -4.51
C ALA A 219 7.04 23.34 -4.40
N THR A 220 6.23 23.40 -5.46
CA THR A 220 4.99 24.18 -5.40
C THR A 220 3.78 23.30 -5.10
N TYR A 221 3.98 22.05 -4.72
CA TYR A 221 2.87 21.11 -4.48
C TYR A 221 1.92 21.07 -5.67
N GLY A 222 2.51 21.13 -6.88
CA GLY A 222 1.76 20.84 -8.08
C GLY A 222 1.15 22.03 -8.79
N MET A 223 1.72 23.23 -8.65
CA MET A 223 1.29 24.34 -9.49
C MET A 223 1.75 24.11 -10.93
N SER A 224 1.02 24.72 -11.87
CA SER A 224 1.45 24.75 -13.27
C SER A 224 2.69 25.63 -13.43
N PRO A 225 3.69 25.16 -14.17
CA PRO A 225 4.91 25.96 -14.39
C PRO A 225 4.62 27.26 -15.12
N TYR A 226 5.55 28.22 -14.98
CA TYR A 226 5.44 29.58 -15.51
C TYR A 226 4.01 30.11 -15.31
N PRO A 227 3.52 30.14 -14.08
CA PRO A 227 2.12 30.56 -13.83
C PRO A 227 1.82 31.93 -14.41
N GLY A 228 0.77 32.01 -15.23
CA GLY A 228 0.33 33.29 -15.75
C GLY A 228 1.04 33.75 -17.02
N ILE A 229 1.98 32.98 -17.55
CA ILE A 229 2.69 33.34 -18.77
C ILE A 229 2.14 32.51 -19.91
N ASP A 230 1.73 33.17 -20.99
CA ASP A 230 1.16 32.46 -22.12
C ASP A 230 2.21 31.62 -22.83
N LEU A 231 1.77 30.46 -23.31
CA LEU A 231 2.64 29.55 -24.06
C LEU A 231 3.38 30.26 -25.18
N SER A 232 2.70 31.23 -25.82
CA SER A 232 3.31 31.99 -26.91
C SER A 232 4.58 32.71 -26.50
N GLN A 233 4.76 32.98 -25.20
CA GLN A 233 5.92 33.71 -24.73
C GLN A 233 7.09 32.82 -24.31
N VAL A 234 6.83 31.53 -24.05
CA VAL A 234 7.79 30.75 -23.26
C VAL A 234 9.13 30.63 -23.97
N TYR A 235 9.12 30.28 -25.26
CA TYR A 235 10.37 30.11 -25.96
C TYR A 235 11.20 31.39 -25.94
N GLU A 236 10.60 32.52 -26.35
CA GLU A 236 11.35 33.78 -26.40
C GLU A 236 11.95 34.10 -25.03
N LEU A 237 11.18 33.88 -23.96
CA LEU A 237 11.68 34.17 -22.61
C LEU A 237 12.90 33.32 -22.29
N LEU A 238 12.80 32.01 -22.53
CA LEU A 238 13.90 31.11 -22.18
C LEU A 238 15.15 31.45 -22.96
N GLU A 239 14.99 31.81 -24.24
CA GLU A 239 16.13 32.17 -25.06
C GLU A 239 16.75 33.48 -24.60
N LYS A 240 15.94 34.37 -24.04
CA LYS A 240 16.45 35.57 -23.41
C LYS A 240 16.78 35.38 -21.94
N ASP A 241 17.03 34.13 -21.52
CA ASP A 241 17.57 33.75 -20.22
C ASP A 241 16.58 33.86 -19.06
N TYR A 242 15.29 34.03 -19.34
CA TYR A 242 14.31 33.95 -18.26
C TYR A 242 14.28 32.53 -17.68
N ARG A 243 14.21 32.44 -16.35
CA ARG A 243 14.00 31.17 -15.66
C ARG A 243 13.08 31.42 -14.49
N MET A 244 12.28 30.41 -14.13
CA MET A 244 11.40 30.54 -12.99
C MET A 244 12.19 30.91 -11.74
N GLU A 245 11.59 31.78 -10.94
CA GLU A 245 12.08 32.20 -9.63
C GLU A 245 12.08 31.02 -8.67
N ARG A 246 12.92 31.10 -7.65
CA ARG A 246 12.88 30.12 -6.58
C ARG A 246 11.49 30.15 -5.93
N PRO A 247 10.80 29.01 -5.86
CA PRO A 247 9.46 29.01 -5.27
C PRO A 247 9.51 29.08 -3.75
N GLU A 248 8.43 29.61 -3.17
CA GLU A 248 8.35 29.81 -1.72
C GLU A 248 8.62 28.52 -0.96
N GLY A 249 9.54 28.59 0.01
CA GLY A 249 9.92 27.44 0.81
C GLY A 249 10.93 26.51 0.19
N CYS A 250 11.30 26.71 -1.09
CA CYS A 250 12.23 25.81 -1.72
C CYS A 250 13.65 26.12 -1.22
N PRO A 251 14.41 25.12 -0.79
CA PRO A 251 15.75 25.41 -0.26
C PRO A 251 16.68 25.86 -1.38
N GLU A 252 17.65 26.70 -1.02
CA GLU A 252 18.49 27.31 -2.04
C GLU A 252 19.30 26.27 -2.80
N LYS A 253 19.75 25.20 -2.13
CA LYS A 253 20.57 24.25 -2.88
C LYS A 253 19.70 23.45 -3.83
N VAL A 254 18.44 23.22 -3.47
CA VAL A 254 17.56 22.59 -4.44
C VAL A 254 17.31 23.54 -5.61
N TYR A 255 17.12 24.83 -5.32
CA TYR A 255 16.97 25.79 -6.42
C TYR A 255 18.22 25.84 -7.29
N GLU A 256 19.40 25.67 -6.68
CA GLU A 256 20.63 25.67 -7.49
C GLU A 256 20.62 24.52 -8.50
N LEU A 257 20.10 23.35 -8.10
CA LEU A 257 20.00 22.22 -9.00
C LEU A 257 19.03 22.50 -10.14
N MET A 258 17.85 23.05 -9.82
CA MET A 258 16.92 23.46 -10.86
C MET A 258 17.62 24.29 -11.92
N ARG A 259 18.35 25.31 -11.49
CA ARG A 259 18.99 26.21 -12.44
C ARG A 259 20.01 25.46 -13.29
N ALA A 260 20.80 24.59 -12.66
CA ALA A 260 21.76 23.82 -13.42
C ALA A 260 21.06 22.96 -14.47
N CYS A 261 19.87 22.44 -14.14
CA CYS A 261 19.05 21.67 -15.09
C CYS A 261 18.62 22.51 -16.27
N TRP A 262 18.46 23.82 -16.06
CA TRP A 262 17.95 24.73 -17.07
C TRP A 262 19.03 25.52 -17.78
N GLN A 263 20.29 25.06 -17.73
CA GLN A 263 21.32 25.58 -18.62
C GLN A 263 20.87 25.49 -20.08
N TRP A 264 21.09 26.57 -20.83
CA TRP A 264 20.61 26.63 -22.21
C TRP A 264 21.28 25.57 -23.09
N ASN A 265 22.57 25.38 -22.93
CA ASN A 265 23.29 24.39 -23.74
C ASN A 265 23.13 23.04 -23.06
N PRO A 266 22.57 22.03 -23.75
CA PRO A 266 22.34 20.72 -23.11
C PRO A 266 23.56 20.13 -22.46
N SER A 267 24.76 20.41 -22.98
CA SER A 267 25.97 19.80 -22.44
C SER A 267 26.43 20.46 -21.15
N ASP A 268 25.90 21.63 -20.82
CA ASP A 268 26.15 22.23 -19.52
C ASP A 268 25.17 21.75 -18.45
N ARG A 269 24.14 21.00 -18.83
CA ARG A 269 23.26 20.44 -17.82
C ARG A 269 23.96 19.28 -17.11
N PRO A 270 23.74 19.12 -15.81
CA PRO A 270 24.32 17.98 -15.09
C PRO A 270 23.76 16.66 -15.58
N SER A 271 24.51 15.60 -15.30
CA SER A 271 24.02 14.24 -15.51
C SER A 271 23.10 13.82 -14.36
N PHE A 272 22.24 12.84 -14.66
CA PHE A 272 21.39 12.28 -13.61
C PHE A 272 22.21 11.57 -12.54
N ALA A 273 23.36 11.01 -12.90
CA ALA A 273 24.27 10.48 -11.88
C ALA A 273 24.64 11.57 -10.89
N GLU A 274 24.98 12.77 -11.40
CA GLU A 274 25.38 13.86 -10.50
C GLU A 274 24.19 14.37 -9.68
N ILE A 275 23.01 14.44 -10.29
CA ILE A 275 21.85 14.92 -9.57
C ILE A 275 21.51 13.99 -8.41
N HIS A 276 21.49 12.68 -8.68
CA HIS A 276 21.19 11.73 -7.62
C HIS A 276 22.22 11.79 -6.50
N GLN A 277 23.51 11.90 -6.86
CA GLN A 277 24.53 12.07 -5.83
C GLN A 277 24.27 13.30 -4.98
N ALA A 278 23.87 14.40 -5.61
CA ALA A 278 23.63 15.62 -4.83
C ALA A 278 22.45 15.43 -3.88
N PHE A 279 21.39 14.77 -4.35
CA PHE A 279 20.28 14.49 -3.46
C PHE A 279 20.68 13.51 -2.37
N GLU A 280 21.46 12.47 -2.73
CA GLU A 280 21.93 11.51 -1.74
C GLU A 280 22.62 12.22 -0.58
N THR A 281 23.59 13.08 -0.92
CA THR A 281 24.31 13.86 0.08
C THR A 281 23.36 14.71 0.91
N MET A 282 22.50 15.49 0.23
CA MET A 282 21.52 16.30 0.95
C MET A 282 20.66 15.46 1.88
N PHE A 283 20.19 14.30 1.39
CA PHE A 283 19.20 13.54 2.13
C PHE A 283 19.77 12.95 3.42
N GLN A 284 21.06 12.63 3.46
CA GLN A 284 21.59 12.09 4.71
C GLN A 284 22.12 13.16 5.65
N GLU A 285 22.36 14.38 5.16
CA GLU A 285 22.65 15.49 6.07
C GLU A 285 21.41 15.97 6.84
N SER A 286 20.21 15.60 6.39
CA SER A 286 18.95 16.04 7.00
C SER A 286 18.51 15.14 8.16
N ASP B 19 -10.36 -39.48 15.82
CA ASP B 19 -9.68 -39.17 14.57
C ASP B 19 -8.21 -38.74 14.76
N LYS B 20 -7.56 -38.41 13.63
CA LYS B 20 -6.15 -38.02 13.61
C LYS B 20 -5.78 -37.01 14.69
N TRP B 21 -6.73 -36.20 15.17
CA TRP B 21 -6.46 -35.11 16.09
C TRP B 21 -6.47 -35.54 17.56
N GLU B 22 -6.90 -36.76 17.85
CA GLU B 22 -7.03 -37.20 19.23
C GLU B 22 -5.67 -37.61 19.76
N MET B 23 -5.39 -37.23 21.00
CA MET B 23 -4.13 -37.62 21.62
C MET B 23 -4.38 -37.87 23.10
N GLU B 24 -3.50 -38.66 23.70
CA GLU B 24 -3.60 -38.94 25.12
C GLU B 24 -3.25 -37.69 25.92
N ARG B 25 -4.03 -37.40 26.96
CA ARG B 25 -3.68 -36.30 27.86
C ARG B 25 -2.33 -36.53 28.53
N THR B 26 -1.81 -37.78 28.52
CA THR B 26 -0.51 -38.04 29.14
C THR B 26 0.63 -37.49 28.30
N ASP B 27 0.41 -37.30 27.00
CA ASP B 27 1.46 -36.76 26.15
C ASP B 27 1.82 -35.33 26.50
N ILE B 28 1.00 -34.66 27.31
CA ILE B 28 1.13 -33.24 27.59
C ILE B 28 1.40 -33.03 29.07
N THR B 29 2.49 -32.32 29.38
CA THR B 29 2.74 -31.81 30.72
C THR B 29 2.07 -30.45 30.86
N MET B 30 1.01 -30.38 31.65
CA MET B 30 0.29 -29.13 31.88
C MET B 30 1.06 -28.28 32.88
N LYS B 31 1.71 -27.20 32.41
CA LYS B 31 2.32 -26.24 33.31
C LYS B 31 1.26 -25.31 33.89
N HIS B 32 1.49 -24.00 33.89
CA HIS B 32 0.63 -23.07 34.62
C HIS B 32 -0.24 -22.23 33.68
N LYS B 33 -1.21 -21.54 34.26
CA LYS B 33 -2.25 -20.90 33.47
C LYS B 33 -1.72 -19.68 32.74
N LEU B 34 -2.14 -19.55 31.48
CA LEU B 34 -1.51 -18.64 30.55
C LEU B 34 -1.85 -17.19 30.87
N GLY B 35 -0.83 -16.34 30.79
CA GLY B 35 -0.96 -14.90 30.96
C GLY B 35 -1.86 -14.48 32.11
N GLY B 36 -1.60 -14.99 33.31
CA GLY B 36 -2.42 -14.64 34.45
C GLY B 36 -3.89 -14.93 34.26
N GLY B 37 -4.20 -16.00 33.54
CA GLY B 37 -5.58 -16.45 33.39
C GLY B 37 -6.49 -15.52 32.62
N GLN B 38 -5.94 -14.40 32.11
CA GLN B 38 -6.75 -13.45 31.34
C GLN B 38 -7.42 -14.10 30.14
N TYR B 39 -6.95 -15.28 29.71
CA TYR B 39 -7.60 -16.05 28.66
C TYR B 39 -8.50 -17.14 29.22
N GLY B 40 -8.73 -17.14 30.53
CA GLY B 40 -9.54 -18.16 31.15
C GLY B 40 -8.79 -19.45 31.44
N GLU B 41 -9.45 -20.59 31.24
CA GLU B 41 -8.87 -21.91 31.49
C GLU B 41 -8.00 -22.34 30.31
N VAL B 42 -6.96 -21.55 30.05
CA VAL B 42 -5.95 -21.90 29.05
C VAL B 42 -4.61 -21.88 29.75
N TYR B 43 -3.84 -22.95 29.57
CA TYR B 43 -2.62 -23.19 30.33
C TYR B 43 -1.44 -23.34 29.38
N GLU B 44 -0.27 -22.85 29.79
CA GLU B 44 0.95 -23.26 29.12
C GLU B 44 1.16 -24.76 29.32
N GLY B 45 1.51 -25.46 28.25
CA GLY B 45 1.77 -26.88 28.33
C GLY B 45 3.03 -27.24 27.57
N VAL B 46 3.49 -28.47 27.81
CA VAL B 46 4.64 -29.01 27.14
C VAL B 46 4.20 -30.32 26.50
N TRP B 47 4.23 -30.36 25.19
CA TRP B 47 3.98 -31.60 24.46
C TRP B 47 5.28 -32.41 24.49
N LYS B 48 5.29 -33.45 25.34
CA LYS B 48 6.53 -34.01 25.88
C LYS B 48 7.39 -34.66 24.81
N LYS B 49 6.78 -35.45 23.94
CA LYS B 49 7.56 -36.16 22.91
C LYS B 49 8.38 -35.20 22.06
N TYR B 50 7.96 -33.94 21.95
CA TYR B 50 8.67 -32.94 21.17
C TYR B 50 9.24 -31.83 22.03
N SER B 51 9.08 -31.91 23.36
CA SER B 51 9.50 -30.84 24.27
C SER B 51 9.02 -29.47 23.81
N LEU B 52 7.82 -29.43 23.26
CA LEU B 52 7.26 -28.25 22.61
C LEU B 52 6.29 -27.54 23.54
N THR B 53 6.58 -26.28 23.86
CA THR B 53 5.61 -25.47 24.57
C THR B 53 4.37 -25.27 23.71
N VAL B 54 3.20 -25.55 24.28
CA VAL B 54 1.93 -25.41 23.58
C VAL B 54 0.97 -24.65 24.48
N ALA B 55 -0.19 -24.31 23.92
CA ALA B 55 -1.29 -23.72 24.66
C ALA B 55 -2.41 -24.75 24.74
N VAL B 56 -3.03 -24.86 25.92
CA VAL B 56 -4.01 -25.91 26.18
C VAL B 56 -5.27 -25.28 26.77
N LYS B 57 -6.38 -25.41 26.06
CA LYS B 57 -7.69 -25.05 26.60
C LYS B 57 -8.31 -26.28 27.27
N THR B 58 -8.79 -26.12 28.50
CA THR B 58 -9.34 -27.22 29.28
C THR B 58 -10.77 -26.92 29.68
N LEU B 59 -11.47 -27.97 30.11
CA LEU B 59 -12.84 -27.85 30.59
C LEU B 59 -13.10 -28.98 31.60
N VAL B 66 -19.61 -26.67 27.24
CA VAL B 66 -19.34 -28.10 27.24
C VAL B 66 -19.63 -28.75 25.85
N GLU B 67 -20.83 -28.59 25.26
CA GLU B 67 -20.89 -28.96 23.85
C GLU B 67 -20.44 -27.82 22.94
N GLU B 68 -20.44 -26.59 23.44
CA GLU B 68 -19.77 -25.52 22.69
C GLU B 68 -18.28 -25.80 22.56
N PHE B 69 -17.70 -26.41 23.60
CA PHE B 69 -16.29 -26.80 23.55
C PHE B 69 -16.02 -27.76 22.39
N LEU B 70 -16.83 -28.80 22.26
CA LEU B 70 -16.63 -29.75 21.16
C LEU B 70 -16.89 -29.08 19.82
N LYS B 71 -17.81 -28.12 19.76
CA LYS B 71 -18.08 -27.41 18.52
C LYS B 71 -16.86 -26.60 18.08
N GLU B 72 -16.23 -25.90 19.03
CA GLU B 72 -14.99 -25.19 18.75
C GLU B 72 -13.92 -26.13 18.22
N ALA B 73 -13.67 -27.22 18.96
CA ALA B 73 -12.74 -28.24 18.48
C ALA B 73 -13.10 -28.67 17.05
N ALA B 74 -14.38 -28.91 16.79
CA ALA B 74 -14.79 -29.34 15.45
C ALA B 74 -14.47 -28.27 14.41
N VAL B 75 -14.68 -26.99 14.76
CA VAL B 75 -14.39 -25.92 13.81
C VAL B 75 -12.88 -25.81 13.56
N MET B 76 -12.07 -25.90 14.61
CA MET B 76 -10.62 -25.70 14.44
C MET B 76 -9.95 -26.79 13.61
N LYS B 77 -10.54 -27.98 13.51
CA LYS B 77 -10.03 -28.97 12.59
C LYS B 77 -10.34 -28.64 11.14
N GLU B 78 -11.22 -27.67 10.89
CA GLU B 78 -11.60 -27.32 9.53
C GLU B 78 -10.88 -26.10 9.01
N ILE B 79 -10.10 -25.40 9.82
CA ILE B 79 -9.45 -24.17 9.39
C ILE B 79 -7.94 -24.35 9.45
N LYS B 80 -7.27 -24.03 8.35
CA LYS B 80 -5.82 -24.02 8.28
C LYS B 80 -5.37 -22.88 7.37
N HIS B 81 -4.47 -22.04 7.88
CA HIS B 81 -4.00 -20.84 7.18
C HIS B 81 -2.82 -20.24 7.94
N PRO B 82 -1.83 -19.67 7.24
CA PRO B 82 -0.63 -19.16 7.94
C PRO B 82 -0.91 -18.16 9.05
N ASN B 83 -2.02 -17.40 8.98
CA ASN B 83 -2.29 -16.35 9.97
C ASN B 83 -3.50 -16.68 10.85
N LEU B 84 -3.88 -17.94 10.95
CA LEU B 84 -4.85 -18.40 11.93
C LEU B 84 -4.14 -19.33 12.87
N VAL B 85 -4.43 -19.19 14.18
CA VAL B 85 -3.78 -20.03 15.18
C VAL B 85 -4.01 -21.49 14.81
N GLN B 86 -2.96 -22.30 14.90
CA GLN B 86 -2.98 -23.66 14.35
C GLN B 86 -3.29 -24.67 15.46
N LEU B 87 -4.37 -25.42 15.27
CA LEU B 87 -4.73 -26.52 16.17
C LEU B 87 -3.69 -27.63 16.06
N LEU B 88 -3.27 -28.16 17.19
CA LEU B 88 -2.28 -29.23 17.22
C LEU B 88 -2.87 -30.57 17.61
N GLY B 89 -3.78 -30.60 18.57
CA GLY B 89 -4.51 -31.81 18.89
C GLY B 89 -5.65 -31.49 19.83
N VAL B 90 -6.47 -32.52 20.09
CA VAL B 90 -7.56 -32.44 21.05
C VAL B 90 -7.53 -33.66 21.97
N CYS B 91 -8.22 -33.52 23.11
CA CYS B 91 -8.52 -34.63 24.00
C CYS B 91 -10.03 -34.60 24.26
N THR B 92 -10.77 -35.50 23.61
CA THR B 92 -12.23 -35.44 23.57
C THR B 92 -12.94 -36.72 23.98
N ARG B 93 -12.24 -37.72 24.54
CA ARG B 93 -12.97 -38.95 24.89
C ARG B 93 -13.58 -38.86 26.30
N GLU B 94 -12.81 -38.46 27.30
CA GLU B 94 -13.33 -38.33 28.66
C GLU B 94 -12.83 -37.03 29.27
N PRO B 95 -13.57 -36.47 30.22
CA PRO B 95 -13.08 -35.28 30.93
C PRO B 95 -11.77 -35.55 31.63
N PRO B 96 -10.92 -34.52 31.80
CA PRO B 96 -11.11 -33.15 31.30
C PRO B 96 -10.68 -33.05 29.83
N PHE B 97 -11.31 -32.15 29.09
CA PHE B 97 -11.07 -32.07 27.64
C PHE B 97 -10.02 -31.02 27.31
N TYR B 98 -9.24 -31.31 26.27
CA TYR B 98 -8.17 -30.43 25.83
C TYR B 98 -8.39 -30.03 24.38
N ILE B 99 -8.25 -28.74 24.09
CA ILE B 99 -7.92 -28.23 22.76
C ILE B 99 -6.51 -27.67 22.83
N ILE B 100 -5.62 -28.19 21.98
CA ILE B 100 -4.19 -27.85 22.05
C ILE B 100 -3.80 -27.10 20.77
N THR B 101 -3.22 -25.91 20.94
CA THR B 101 -2.71 -25.13 19.82
C THR B 101 -1.24 -24.79 20.06
N GLU B 102 -0.64 -24.20 19.04
CA GLU B 102 0.71 -23.68 19.12
C GLU B 102 0.78 -22.56 20.15
N PHE B 103 1.99 -22.31 20.64
CA PHE B 103 2.27 -21.20 21.54
C PHE B 103 2.91 -20.08 20.73
N MET B 104 2.40 -18.86 20.88
CA MET B 104 2.89 -17.70 20.17
C MET B 104 3.75 -16.87 21.11
N THR B 105 5.04 -16.73 20.79
CA THR B 105 6.01 -16.37 21.80
C THR B 105 5.85 -14.95 22.31
N TYR B 106 5.18 -14.05 21.60
CA TYR B 106 5.05 -12.68 22.07
C TYR B 106 3.68 -12.33 22.60
N GLY B 107 2.77 -13.31 22.74
CA GLY B 107 1.50 -13.02 23.35
C GLY B 107 0.58 -12.27 22.40
N ASN B 108 -0.46 -11.66 23.00
CA ASN B 108 -1.53 -11.05 22.22
C ASN B 108 -1.12 -9.67 21.70
N LEU B 109 -1.72 -9.30 20.57
CA LEU B 109 -1.26 -8.14 19.80
C LEU B 109 -1.50 -6.83 20.55
N LEU B 110 -2.61 -6.74 21.29
CA LEU B 110 -2.92 -5.50 22.00
C LEU B 110 -1.82 -5.17 23.01
N ASP B 111 -1.40 -6.16 23.80
CA ASP B 111 -0.31 -5.93 24.75
C ASP B 111 1.02 -5.69 24.04
N TYR B 112 1.29 -6.45 22.97
CA TYR B 112 2.50 -6.22 22.19
C TYR B 112 2.60 -4.76 21.75
N LEU B 113 1.56 -4.27 21.09
CA LEU B 113 1.57 -2.90 20.60
C LEU B 113 1.73 -1.90 21.75
N ARG B 114 1.09 -2.15 22.89
CA ARG B 114 1.11 -1.20 23.99
C ARG B 114 2.50 -1.10 24.61
N GLU B 115 3.29 -2.16 24.54
CA GLU B 115 4.61 -2.21 25.15
C GLU B 115 5.75 -2.22 24.13
N CYS B 116 5.46 -2.15 22.85
CA CYS B 116 6.56 -2.40 21.91
C CYS B 116 7.51 -1.19 21.87
N ASN B 117 8.63 -1.39 21.20
CA ASN B 117 9.52 -0.29 20.83
C ASN B 117 9.03 0.24 19.50
N ARG B 118 8.58 1.50 19.49
CA ARG B 118 7.94 2.02 18.29
C ARG B 118 8.92 2.30 17.17
N GLN B 119 10.22 2.34 17.45
CA GLN B 119 11.15 2.49 16.34
C GLN B 119 11.43 1.15 15.65
N GLU B 120 11.34 0.04 16.39
CA GLU B 120 11.35 -1.26 15.73
C GLU B 120 9.98 -1.59 15.13
N VAL B 121 8.91 -1.38 15.89
CA VAL B 121 7.55 -1.69 15.40
C VAL B 121 7.03 -0.41 14.76
N ASN B 122 7.53 -0.12 13.57
CA ASN B 122 7.22 1.12 12.90
C ASN B 122 6.15 0.90 11.82
N ALA B 123 6.02 1.87 10.91
CA ALA B 123 4.90 1.89 9.98
C ALA B 123 4.93 0.71 9.01
N VAL B 124 6.12 0.29 8.58
CA VAL B 124 6.21 -0.89 7.73
C VAL B 124 5.76 -2.13 8.49
N VAL B 125 6.09 -2.22 9.78
CA VAL B 125 5.65 -3.36 10.59
C VAL B 125 4.14 -3.31 10.83
N LEU B 126 3.65 -2.15 11.26
CA LEU B 126 2.21 -1.98 11.46
C LEU B 126 1.45 -2.39 10.22
N LEU B 127 1.94 -1.97 9.04
CA LEU B 127 1.29 -2.35 7.80
C LEU B 127 1.39 -3.86 7.56
N TYR B 128 2.53 -4.46 7.91
CA TYR B 128 2.70 -5.90 7.78
C TYR B 128 1.69 -6.65 8.63
N MET B 129 1.43 -6.15 9.85
CA MET B 129 0.49 -6.82 10.74
C MET B 129 -0.95 -6.75 10.21
N ALA B 130 -1.35 -5.59 9.67
CA ALA B 130 -2.68 -5.46 9.11
C ALA B 130 -2.84 -6.36 7.87
N THR B 131 -1.79 -6.44 7.04
CA THR B 131 -1.85 -7.32 5.88
C THR B 131 -2.09 -8.77 6.28
N GLN B 132 -1.41 -9.25 7.32
CA GLN B 132 -1.55 -10.64 7.71
C GLN B 132 -2.95 -10.90 8.23
N ILE B 133 -3.51 -9.95 8.97
CA ILE B 133 -4.83 -10.15 9.56
C ILE B 133 -5.88 -10.16 8.46
N SER B 134 -5.80 -9.23 7.51
CA SER B 134 -6.74 -9.25 6.40
C SER B 134 -6.62 -10.55 5.61
N SER B 135 -5.43 -11.14 5.60
CA SER B 135 -5.25 -12.43 4.94
C SER B 135 -6.04 -13.52 5.65
N ALA B 136 -5.90 -13.60 6.98
CA ALA B 136 -6.71 -14.55 7.75
C ALA B 136 -8.19 -14.35 7.50
N MET B 137 -8.65 -13.09 7.49
CA MET B 137 -10.07 -12.84 7.37
C MET B 137 -10.57 -13.20 5.98
N GLU B 138 -9.78 -12.91 4.94
CA GLU B 138 -10.19 -13.34 3.60
C GLU B 138 -10.35 -14.85 3.55
N TYR B 139 -9.49 -15.57 4.28
CA TYR B 139 -9.60 -17.01 4.28
C TYR B 139 -10.89 -17.46 4.97
N LEU B 140 -11.27 -16.79 6.07
CA LEU B 140 -12.53 -17.13 6.74
C LEU B 140 -13.74 -16.75 5.87
N GLU B 141 -13.65 -15.60 5.21
CA GLU B 141 -14.66 -15.22 4.23
C GLU B 141 -14.82 -16.31 3.16
N LYS B 142 -13.70 -16.81 2.62
CA LYS B 142 -13.73 -17.79 1.54
C LYS B 142 -14.39 -19.10 1.98
N LYS B 143 -14.05 -19.60 3.18
CA LYS B 143 -14.69 -20.80 3.73
C LYS B 143 -16.05 -20.52 4.40
N ASN B 144 -16.60 -19.32 4.26
CA ASN B 144 -17.93 -18.96 4.81
C ASN B 144 -17.98 -19.05 6.33
N PHE B 145 -16.87 -18.79 7.01
CA PHE B 145 -16.90 -18.67 8.46
C PHE B 145 -17.11 -17.22 8.86
N ILE B 146 -17.65 -17.03 10.05
CA ILE B 146 -17.78 -15.71 10.68
C ILE B 146 -16.91 -15.73 11.93
N HIS B 147 -16.27 -14.60 12.23
CA HIS B 147 -15.44 -14.56 13.43
C HIS B 147 -16.25 -14.16 14.65
N ARG B 148 -16.89 -12.98 14.60
CA ARG B 148 -17.81 -12.36 15.55
C ARG B 148 -17.12 -11.63 16.68
N ASP B 149 -15.80 -11.76 16.87
CA ASP B 149 -15.13 -11.00 17.92
C ASP B 149 -13.74 -10.55 17.47
N LEU B 150 -13.62 -10.04 16.25
CA LEU B 150 -12.32 -9.62 15.75
C LEU B 150 -11.87 -8.35 16.49
N ALA B 151 -10.63 -8.36 17.01
CA ALA B 151 -10.10 -7.25 17.80
C ALA B 151 -8.63 -7.56 18.10
N ALA B 152 -7.86 -6.51 18.45
CA ALA B 152 -6.43 -6.73 18.70
C ALA B 152 -6.20 -7.70 19.86
N ARG B 153 -7.06 -7.67 20.89
CA ARG B 153 -6.87 -8.57 22.01
C ARG B 153 -6.98 -10.03 21.57
N ASN B 154 -7.55 -10.32 20.40
CA ASN B 154 -7.72 -11.69 19.93
C ASN B 154 -6.68 -12.11 18.90
N CYS B 155 -5.60 -11.35 18.73
CA CYS B 155 -4.55 -11.70 17.79
C CYS B 155 -3.25 -12.01 18.56
N LEU B 156 -2.39 -12.82 17.97
CA LEU B 156 -1.15 -13.28 18.60
C LEU B 156 0.07 -12.93 17.74
N VAL B 157 1.22 -12.76 18.39
CA VAL B 157 2.45 -12.32 17.73
C VAL B 157 3.51 -13.41 17.93
N GLY B 158 4.17 -13.80 16.83
CA GLY B 158 5.30 -14.69 16.87
C GLY B 158 6.59 -14.02 16.43
N GLU B 159 7.55 -14.83 16.02
CA GLU B 159 8.82 -14.31 15.53
C GLU B 159 8.62 -13.55 14.23
N ASN B 160 9.49 -12.58 13.99
CA ASN B 160 9.50 -11.85 12.73
C ASN B 160 8.17 -11.11 12.49
N HIS B 161 7.53 -10.70 13.58
CA HIS B 161 6.27 -9.95 13.49
C HIS B 161 5.19 -10.75 12.81
N LEU B 162 5.26 -12.06 12.95
CA LEU B 162 4.17 -12.91 12.52
C LEU B 162 2.95 -12.62 13.39
N VAL B 163 1.79 -12.49 12.73
CA VAL B 163 0.51 -12.26 13.39
C VAL B 163 -0.46 -13.35 12.97
N LYS B 164 -1.14 -13.92 13.95
CA LYS B 164 -2.20 -14.88 13.70
C LYS B 164 -3.46 -14.46 14.44
N VAL B 165 -4.58 -14.56 13.76
CA VAL B 165 -5.89 -14.30 14.36
C VAL B 165 -6.31 -15.51 15.18
N ALA B 166 -6.90 -15.27 16.35
CA ALA B 166 -7.43 -16.32 17.20
C ALA B 166 -8.79 -15.88 17.72
N ASP B 167 -9.36 -16.68 18.62
CA ASP B 167 -10.65 -16.32 19.24
C ASP B 167 -10.67 -16.88 20.66
N PHE B 168 -10.48 -16.01 21.66
CA PHE B 168 -10.35 -16.45 23.05
C PHE B 168 -11.67 -16.41 23.82
N GLY B 169 -12.48 -15.38 23.61
CA GLY B 169 -13.77 -15.29 24.27
C GLY B 169 -13.75 -14.49 25.56
N ALA B 185 -25.81 -11.01 27.10
CA ALA B 185 -25.95 -9.68 26.53
C ALA B 185 -24.66 -8.86 26.71
N LYS B 186 -23.52 -9.51 26.42
CA LYS B 186 -22.17 -9.00 26.73
C LYS B 186 -21.38 -8.74 25.43
N PHE B 187 -21.50 -7.53 24.85
CA PHE B 187 -20.75 -7.16 23.66
C PHE B 187 -19.49 -6.35 24.02
N PRO B 188 -18.49 -6.37 23.15
CA PRO B 188 -17.55 -5.24 23.04
C PRO B 188 -18.13 -4.22 22.04
N ILE B 189 -19.03 -3.38 22.55
CA ILE B 189 -19.81 -2.41 21.77
C ILE B 189 -18.93 -1.65 20.78
N LYS B 190 -17.75 -1.23 21.23
CA LYS B 190 -16.89 -0.39 20.40
C LYS B 190 -16.39 -1.11 19.14
N TRP B 191 -16.37 -2.44 19.12
CA TRP B 191 -16.01 -3.21 17.93
C TRP B 191 -17.22 -3.72 17.14
N THR B 192 -18.44 -3.44 17.59
CA THR B 192 -19.65 -4.11 17.11
C THR B 192 -20.35 -3.28 16.05
N ALA B 193 -20.66 -3.92 14.92
CA ALA B 193 -21.30 -3.23 13.79
C ALA B 193 -22.73 -2.79 14.16
N PRO B 194 -23.23 -1.74 13.51
CA PRO B 194 -24.55 -1.20 13.87
C PRO B 194 -25.68 -2.22 13.79
N GLU B 195 -25.68 -3.09 12.76
CA GLU B 195 -26.74 -4.07 12.61
C GLU B 195 -26.63 -5.20 13.64
N SER B 196 -25.48 -5.36 14.29
CA SER B 196 -25.38 -6.33 15.38
C SER B 196 -25.83 -5.74 16.71
N LEU B 197 -25.52 -4.47 16.93
CA LEU B 197 -26.05 -3.79 18.10
C LEU B 197 -27.58 -3.79 18.08
N ALA B 198 -28.16 -3.50 16.93
CA ALA B 198 -29.58 -3.21 16.82
C ALA B 198 -30.40 -4.46 16.59
N TYR B 199 -29.94 -5.37 15.72
CA TYR B 199 -30.74 -6.52 15.33
C TYR B 199 -30.11 -7.85 15.66
N ASN B 200 -28.99 -7.87 16.37
CA ASN B 200 -28.28 -9.10 16.67
C ASN B 200 -27.89 -9.86 15.40
N LYS B 201 -27.65 -9.15 14.30
CA LYS B 201 -27.21 -9.76 13.05
C LYS B 201 -25.69 -9.66 12.94
N PHE B 202 -25.04 -10.80 12.77
CA PHE B 202 -23.60 -10.88 12.58
C PHE B 202 -23.36 -11.56 11.24
N SER B 203 -22.30 -11.14 10.56
CA SER B 203 -21.97 -11.66 9.24
C SER B 203 -20.50 -11.37 8.98
N ILE B 204 -19.99 -11.86 7.85
CA ILE B 204 -18.62 -11.49 7.50
C ILE B 204 -18.51 -9.97 7.40
N LYS B 205 -19.60 -9.30 7.01
CA LYS B 205 -19.59 -7.84 6.92
C LYS B 205 -19.49 -7.17 8.30
N SER B 206 -20.06 -7.79 9.35
CA SER B 206 -19.82 -7.19 10.66
C SER B 206 -18.43 -7.50 11.18
N ASP B 207 -17.76 -8.53 10.64
CA ASP B 207 -16.33 -8.68 10.89
C ASP B 207 -15.53 -7.61 10.15
N VAL B 208 -15.96 -7.24 8.94
CA VAL B 208 -15.29 -6.14 8.25
C VAL B 208 -15.35 -4.88 9.10
N TRP B 209 -16.54 -4.56 9.64
CA TRP B 209 -16.65 -3.43 10.55
C TRP B 209 -15.63 -3.53 11.69
N ALA B 210 -15.57 -4.68 12.35
CA ALA B 210 -14.64 -4.85 13.46
C ALA B 210 -13.18 -4.74 12.99
N PHE B 211 -12.90 -5.20 11.77
CA PHE B 211 -11.53 -5.06 11.24
C PHE B 211 -11.13 -3.59 11.15
N GLY B 212 -12.04 -2.72 10.71
CA GLY B 212 -11.74 -1.29 10.72
C GLY B 212 -11.37 -0.77 12.10
N VAL B 213 -12.10 -1.19 13.14
CA VAL B 213 -11.75 -0.75 14.50
C VAL B 213 -10.39 -1.33 14.89
N LEU B 214 -10.10 -2.56 14.47
CA LEU B 214 -8.79 -3.15 14.75
C LEU B 214 -7.67 -2.35 14.07
N LEU B 215 -7.90 -1.87 12.84
CA LEU B 215 -6.94 -0.96 12.20
C LEU B 215 -6.67 0.25 13.08
N TRP B 216 -7.73 0.86 13.63
CA TRP B 216 -7.56 1.98 14.53
C TRP B 216 -6.74 1.59 15.76
N GLU B 217 -6.96 0.37 16.29
CA GLU B 217 -6.15 -0.08 17.42
C GLU B 217 -4.68 -0.17 17.03
N ILE B 218 -4.41 -0.67 15.82
CA ILE B 218 -3.04 -0.76 15.36
C ILE B 218 -2.45 0.64 15.22
N ALA B 219 -3.18 1.55 14.57
CA ALA B 219 -2.64 2.89 14.31
C ALA B 219 -2.33 3.65 15.60
N THR B 220 -3.06 3.36 16.70
CA THR B 220 -2.83 4.07 17.95
C THR B 220 -1.98 3.27 18.92
N TYR B 221 -1.31 2.21 18.45
CA TYR B 221 -0.54 1.32 19.30
C TYR B 221 -1.37 0.83 20.49
N GLY B 222 -2.66 0.58 20.24
CA GLY B 222 -3.50 -0.06 21.23
C GLY B 222 -4.21 0.85 22.21
N MET B 223 -4.54 2.08 21.82
CA MET B 223 -5.52 2.84 22.59
C MET B 223 -6.90 2.21 22.44
N SER B 224 -7.81 2.60 23.32
CA SER B 224 -9.20 2.15 23.27
C SER B 224 -10.01 3.08 22.37
N PRO B 225 -10.85 2.50 21.51
CA PRO B 225 -11.55 3.31 20.51
C PRO B 225 -12.60 4.23 21.13
N TYR B 226 -13.01 5.24 20.34
CA TYR B 226 -13.95 6.28 20.73
C TYR B 226 -13.53 6.81 22.09
N PRO B 227 -12.37 7.47 22.16
CA PRO B 227 -11.84 7.91 23.46
C PRO B 227 -12.84 8.80 24.19
N GLY B 228 -13.14 8.43 25.44
CA GLY B 228 -13.99 9.22 26.28
C GLY B 228 -15.47 9.11 25.98
N ILE B 229 -15.86 8.54 24.85
CA ILE B 229 -17.25 8.56 24.43
C ILE B 229 -18.04 7.48 25.16
N ASP B 230 -19.13 7.88 25.83
CA ASP B 230 -20.07 7.00 26.51
C ASP B 230 -20.49 5.85 25.59
N LEU B 231 -20.16 4.61 25.93
CA LEU B 231 -20.48 3.56 24.98
C LEU B 231 -21.98 3.32 24.85
N SER B 232 -22.81 3.90 25.72
CA SER B 232 -24.26 3.80 25.62
C SER B 232 -24.84 4.72 24.57
N GLN B 233 -24.04 5.62 24.01
CA GLN B 233 -24.51 6.53 22.98
C GLN B 233 -23.88 6.26 21.63
N VAL B 234 -23.07 5.19 21.53
CA VAL B 234 -22.32 4.92 20.30
C VAL B 234 -23.27 4.57 19.16
N TYR B 235 -24.30 3.77 19.41
CA TYR B 235 -25.18 3.37 18.33
C TYR B 235 -25.79 4.58 17.66
N GLU B 236 -26.39 5.47 18.44
CA GLU B 236 -27.05 6.64 17.86
C GLU B 236 -26.06 7.59 17.22
N LEU B 237 -24.84 7.69 17.75
CA LEU B 237 -23.80 8.46 17.08
C LEU B 237 -23.45 7.87 15.72
N LEU B 238 -23.29 6.53 15.64
CA LEU B 238 -23.01 5.90 14.35
C LEU B 238 -24.15 6.14 13.36
N GLU B 239 -25.39 5.97 13.82
CA GLU B 239 -26.55 6.18 12.96
C GLU B 239 -26.56 7.59 12.36
N LYS B 240 -26.00 8.56 13.08
CA LYS B 240 -25.95 9.93 12.59
C LYS B 240 -24.64 10.24 11.89
N ASP B 241 -23.88 9.23 11.51
CA ASP B 241 -22.68 9.35 10.69
C ASP B 241 -21.47 9.89 11.45
N TYR B 242 -21.43 9.73 12.77
CA TYR B 242 -20.20 9.98 13.49
C TYR B 242 -19.24 8.80 13.28
N ARG B 243 -17.97 9.10 13.00
CA ARG B 243 -16.94 8.07 13.00
C ARG B 243 -15.68 8.68 13.63
N MET B 244 -14.76 7.82 14.05
CA MET B 244 -13.49 8.31 14.59
C MET B 244 -12.70 9.03 13.49
N GLU B 245 -12.05 10.12 13.88
CA GLU B 245 -11.16 10.83 12.96
C GLU B 245 -9.90 10.01 12.73
N ARG B 246 -9.16 10.38 11.67
CA ARG B 246 -7.88 9.76 11.38
C ARG B 246 -6.94 9.92 12.57
N PRO B 247 -6.42 8.83 13.13
CA PRO B 247 -5.43 8.95 14.20
C PRO B 247 -4.11 9.49 13.68
N GLU B 248 -3.38 10.14 14.59
CA GLU B 248 -2.07 10.72 14.30
C GLU B 248 -1.13 9.71 13.67
N GLY B 249 -0.58 10.07 12.51
CA GLY B 249 0.40 9.25 11.83
C GLY B 249 -0.17 8.18 10.90
N CYS B 250 -1.49 8.02 10.86
CA CYS B 250 -2.11 6.94 10.06
C CYS B 250 -2.13 7.33 8.59
N PRO B 251 -1.67 6.46 7.68
CA PRO B 251 -1.66 6.83 6.26
C PRO B 251 -3.08 7.04 5.73
N GLU B 252 -3.21 7.98 4.79
CA GLU B 252 -4.50 8.32 4.20
C GLU B 252 -5.25 7.10 3.68
N LYS B 253 -4.55 6.20 2.97
CA LYS B 253 -5.26 5.06 2.39
C LYS B 253 -5.72 4.09 3.47
N VAL B 254 -4.92 3.87 4.51
CA VAL B 254 -5.37 3.06 5.64
C VAL B 254 -6.65 3.65 6.22
N TYR B 255 -6.67 4.98 6.43
CA TYR B 255 -7.87 5.61 6.98
C TYR B 255 -9.05 5.51 6.02
N GLU B 256 -8.79 5.66 4.72
CA GLU B 256 -9.83 5.43 3.72
C GLU B 256 -10.44 4.02 3.84
N LEU B 257 -9.60 3.01 4.10
CA LEU B 257 -10.11 1.66 4.30
C LEU B 257 -10.92 1.55 5.58
N MET B 258 -10.43 2.14 6.69
CA MET B 258 -11.23 2.17 7.91
C MET B 258 -12.61 2.73 7.63
N ARG B 259 -12.66 3.89 6.98
CA ARG B 259 -13.96 4.49 6.71
C ARG B 259 -14.81 3.61 5.82
N ALA B 260 -14.20 2.90 4.87
CA ALA B 260 -14.96 1.96 4.06
C ALA B 260 -15.53 0.82 4.90
N CYS B 261 -14.72 0.31 5.85
CA CYS B 261 -15.17 -0.74 6.78
C CYS B 261 -16.34 -0.29 7.63
N TRP B 262 -16.46 1.02 7.83
CA TRP B 262 -17.47 1.59 8.73
C TRP B 262 -18.67 2.17 7.98
N GLN B 263 -18.88 1.75 6.74
CA GLN B 263 -20.11 2.11 6.06
C GLN B 263 -21.32 1.55 6.81
N TRP B 264 -22.39 2.34 6.83
CA TRP B 264 -23.56 1.96 7.61
C TRP B 264 -24.18 0.68 7.07
N ASN B 265 -24.38 0.59 5.76
CA ASN B 265 -24.92 -0.64 5.20
C ASN B 265 -23.84 -1.71 5.13
N PRO B 266 -24.09 -2.91 5.64
CA PRO B 266 -23.14 -4.03 5.43
C PRO B 266 -22.75 -4.23 3.97
N SER B 267 -23.70 -4.08 3.05
CA SER B 267 -23.38 -4.36 1.66
C SER B 267 -22.47 -3.31 1.03
N ASP B 268 -22.38 -2.10 1.58
CA ASP B 268 -21.45 -1.10 1.07
C ASP B 268 -20.01 -1.29 1.57
N ARG B 269 -19.77 -2.21 2.53
CA ARG B 269 -18.44 -2.47 3.03
C ARG B 269 -17.68 -3.36 2.05
N PRO B 270 -16.36 -3.19 1.95
CA PRO B 270 -15.55 -4.06 1.11
C PRO B 270 -15.53 -5.50 1.62
N SER B 271 -15.28 -6.43 0.72
CA SER B 271 -15.00 -7.79 1.12
C SER B 271 -13.61 -7.86 1.74
N PHE B 272 -13.35 -8.95 2.46
CA PHE B 272 -12.00 -9.12 2.98
C PHE B 272 -11.03 -9.40 1.85
N ALA B 273 -11.50 -9.95 0.73
CA ALA B 273 -10.64 -10.12 -0.42
C ALA B 273 -10.20 -8.76 -0.95
N GLU B 274 -11.12 -7.79 -1.02
CA GLU B 274 -10.73 -6.45 -1.46
C GLU B 274 -9.79 -5.79 -0.47
N ILE B 275 -10.05 -5.95 0.84
CA ILE B 275 -9.19 -5.34 1.84
C ILE B 275 -7.80 -5.95 1.77
N HIS B 276 -7.73 -7.28 1.73
CA HIS B 276 -6.44 -7.95 1.67
C HIS B 276 -5.65 -7.53 0.43
N GLN B 277 -6.30 -7.46 -0.72
CA GLN B 277 -5.64 -6.98 -1.94
C GLN B 277 -5.09 -5.56 -1.75
N ALA B 278 -5.89 -4.66 -1.16
CA ALA B 278 -5.37 -3.30 -0.93
C ALA B 278 -4.14 -3.34 -0.02
N PHE B 279 -4.16 -4.17 1.02
CA PHE B 279 -3.00 -4.20 1.92
C PHE B 279 -1.77 -4.87 1.29
N GLU B 280 -1.93 -5.96 0.53
CA GLU B 280 -0.74 -6.55 -0.09
C GLU B 280 -0.09 -5.56 -1.06
N THR B 281 -0.93 -4.81 -1.78
CA THR B 281 -0.42 -3.81 -2.70
C THR B 281 0.31 -2.69 -1.97
N MET B 282 -0.28 -2.20 -0.88
CA MET B 282 0.41 -1.21 -0.05
C MET B 282 1.69 -1.80 0.55
N PHE B 283 1.63 -3.04 1.03
CA PHE B 283 2.77 -3.59 1.74
C PHE B 283 3.96 -3.71 0.80
N GLN B 284 3.70 -4.09 -0.45
CA GLN B 284 4.77 -4.18 -1.43
C GLN B 284 5.41 -2.81 -1.68
N GLU B 285 4.59 -1.77 -1.93
CA GLU B 285 5.09 -0.40 -2.07
C GLU B 285 5.92 -0.01 -0.86
N SER B 286 5.42 -0.31 0.34
CA SER B 286 6.12 0.10 1.55
C SER B 286 7.45 -0.64 1.67
N SER B 287 7.49 -1.92 1.30
CA SER B 287 8.73 -2.68 1.40
C SER B 287 9.79 -2.14 0.44
N ILE B 288 9.40 -1.76 -0.78
CA ILE B 288 10.35 -1.18 -1.72
C ILE B 288 10.85 0.16 -1.21
N SER B 289 9.93 1.02 -0.76
CA SER B 289 10.35 2.30 -0.21
C SER B 289 11.30 2.10 0.96
N ASP B 290 11.02 1.12 1.83
CA ASP B 290 11.90 0.87 2.97
C ASP B 290 13.33 0.54 2.52
N GLU B 291 13.47 -0.27 1.46
CA GLU B 291 14.80 -0.62 0.97
C GLU B 291 15.50 0.54 0.28
N VAL B 292 14.76 1.34 -0.50
CA VAL B 292 15.35 2.57 -1.06
C VAL B 292 15.91 3.43 0.07
N GLU B 293 15.11 3.64 1.12
CA GLU B 293 15.55 4.45 2.24
C GLU B 293 16.82 3.90 2.88
N LYS B 294 16.86 2.58 3.11
CA LYS B 294 18.05 1.99 3.69
C LYS B 294 19.26 2.20 2.79
N GLU B 295 19.06 2.07 1.48
CA GLU B 295 20.15 2.23 0.54
C GLU B 295 20.74 3.65 0.56
N LEU B 296 19.98 4.65 0.97
CA LEU B 296 20.44 6.04 0.96
C LEU B 296 21.46 6.42 2.06
#